data_5VD2
#
_entry.id   5VD2
#
_cell.length_a   50.520
_cell.length_b   45.710
_cell.length_c   59.440
_cell.angle_alpha   90.000
_cell.angle_beta   102.520
_cell.angle_gamma   90.000
#
_symmetry.space_group_name_H-M   'P 1 21 1'
#
loop_
_entity.id
_entity.type
_entity.pdbx_description
1 polymer 'Wee1-like protein kinase'
2 non-polymer N-{2-[(1S,4R)-6-{[4-(cyclobutylamino)-5-(trifluoromethyl)pyrimidin-2-yl]amino}-1,2,3,4-tetrahydro-1,4-epiminonaphthalen-9-yl]-2-oxoethyl}acetamide
3 non-polymer 'PHOSPHATE ION'
4 non-polymer 'CHLORIDE ION'
5 water water
#
_entity_poly.entity_id   1
_entity_poly.type   'polypeptide(L)'
_entity_poly.pdbx_seq_one_letter_code
;GAGSMKSRYTTEFHELEKIGSGEFGSVFKCVKRLDGCIYAIKRSKKPLAGSVDEQNALREVYAHAVLGQHSHVVRYFSAW
AEDDHMLIQNEYCNGGSLADAISENYRIMSYFKEAELKDLLLQVGRGLRYIHSMSLVHMDIKPSNIFISRTSIPNAASEE
GDEDDWASNKVMFKIGDLGHVTRISSPQVEEGDSRFLANEVLQENYTHLPKADIFALALTVVCAAGAEPLPRNGDQWHEI
RQGRLPRIPQVLSQEFTELLKVMIHPDPERRPSAMALVKHSVLLSASRK
;
_entity_poly.pdbx_strand_id   A
#
loop_
_chem_comp.id
_chem_comp.type
_chem_comp.name
_chem_comp.formula
34W non-polymer N-{2-[(1S,4R)-6-{[4-(cyclobutylamino)-5-(trifluoromethyl)pyrimidin-2-yl]amino}-1,2,3,4-tetrahydro-1,4-epiminonaphthalen-9-yl]-2-oxoethyl}acetamide 'C23 H25 F3 N6 O2'
CL non-polymer 'CHLORIDE ION' 'Cl -1'
PO4 non-polymer 'PHOSPHATE ION' 'O4 P -3'
#
# COMPACT_ATOMS: atom_id res chain seq x y z
N SER A 7 -16.94 -0.23 27.85
CA SER A 7 -16.04 -0.21 26.70
C SER A 7 -16.79 -0.39 25.39
N ARG A 8 -16.72 0.63 24.53
CA ARG A 8 -17.32 0.53 23.20
C ARG A 8 -16.79 -0.70 22.46
N TYR A 9 -15.49 -0.97 22.59
CA TYR A 9 -14.88 -2.06 21.84
C TYR A 9 -15.57 -3.39 22.12
N THR A 10 -15.71 -3.75 23.40
CA THR A 10 -16.36 -4.99 23.75
C THR A 10 -17.88 -4.87 23.68
N THR A 11 -18.43 -3.68 23.91
CA THR A 11 -19.86 -3.49 23.83
C THR A 11 -20.40 -3.87 22.45
N GLU A 12 -19.80 -3.31 21.40
CA GLU A 12 -20.37 -3.43 20.07
C GLU A 12 -19.58 -4.35 19.14
N PHE A 13 -18.48 -4.95 19.61
CA PHE A 13 -17.75 -5.94 18.81
C PHE A 13 -17.43 -7.15 19.67
N HIS A 14 -17.29 -8.30 19.01
CA HIS A 14 -16.73 -9.50 19.62
C HIS A 14 -15.43 -9.85 18.91
N GLU A 15 -14.38 -10.07 19.69
CA GLU A 15 -13.04 -10.28 19.19
C GLU A 15 -12.85 -11.76 18.84
N LEU A 16 -12.42 -12.02 17.60
CA LEU A 16 -12.30 -13.38 17.09
C LEU A 16 -10.85 -13.87 17.07
N GLU A 17 -9.94 -13.05 16.56
CA GLU A 17 -8.59 -13.51 16.27
C GLU A 17 -7.66 -12.33 16.08
N LYS A 18 -6.49 -12.35 16.71
CA LYS A 18 -5.45 -11.38 16.41
C LYS A 18 -4.82 -11.74 15.06
N ILE A 19 -4.83 -10.79 14.13
CA ILE A 19 -4.34 -11.05 12.78
C ILE A 19 -3.06 -10.31 12.45
N GLY A 20 -2.58 -9.43 13.33
CA GLY A 20 -1.29 -8.79 13.10
C GLY A 20 -0.84 -7.99 14.31
N SER A 21 0.46 -7.71 14.34
CA SER A 21 1.05 -6.86 15.36
C SER A 21 2.33 -6.25 14.79
N GLY A 22 2.78 -5.20 15.44
CA GLY A 22 3.99 -4.52 15.00
C GLY A 22 4.01 -3.09 15.50
N GLU A 23 4.92 -2.31 14.92
CA GLU A 23 5.03 -0.89 15.25
C GLU A 23 3.70 -0.18 15.09
N PHE A 24 2.85 -0.64 14.15
CA PHE A 24 1.52 -0.09 13.94
C PHE A 24 0.55 -0.41 15.07
N GLY A 25 0.96 -1.22 16.05
CA GLY A 25 0.06 -1.69 17.09
C GLY A 25 -0.30 -3.14 16.86
N SER A 26 -1.58 -3.48 17.07
CA SER A 26 -2.06 -4.82 16.79
C SER A 26 -3.46 -4.70 16.19
N VAL A 27 -3.81 -5.67 15.36
CA VAL A 27 -5.06 -5.65 14.59
C VAL A 27 -5.81 -6.93 14.86
N PHE A 28 -7.11 -6.81 15.13
CA PHE A 28 -7.96 -7.95 15.46
C PHE A 28 -9.10 -8.07 14.46
N LYS A 29 -9.35 -9.30 14.03
CA LYS A 29 -10.56 -9.65 13.30
C LYS A 29 -11.72 -9.74 14.29
N CYS A 30 -12.79 -8.96 14.05
CA CYS A 30 -13.90 -8.88 14.99
C CYS A 30 -15.22 -8.92 14.25
N VAL A 31 -16.25 -9.44 14.93
CA VAL A 31 -17.63 -9.33 14.48
C VAL A 31 -18.26 -8.11 15.15
N LYS A 32 -18.92 -7.27 14.37
CA LYS A 32 -19.77 -6.24 14.93
C LYS A 32 -21.13 -6.84 15.27
N ARG A 33 -21.53 -6.69 16.53
CA ARG A 33 -22.72 -7.41 17.01
C ARG A 33 -23.98 -6.98 16.26
N LEU A 34 -24.08 -5.69 15.92
CA LEU A 34 -25.32 -5.19 15.33
C LEU A 34 -25.57 -5.78 13.93
N ASP A 35 -24.54 -5.85 13.10
CA ASP A 35 -24.72 -6.21 11.69
C ASP A 35 -24.13 -7.56 11.33
N GLY A 36 -23.41 -8.21 12.24
CA GLY A 36 -22.84 -9.51 11.96
C GLY A 36 -21.72 -9.52 10.95
N CYS A 37 -21.18 -8.35 10.57
CA CYS A 37 -20.12 -8.29 9.59
C CYS A 37 -18.75 -8.32 10.27
N ILE A 38 -17.73 -8.62 9.48
CA ILE A 38 -16.37 -8.77 9.97
C ILE A 38 -15.60 -7.49 9.69
N TYR A 39 -14.85 -7.02 10.69
CA TYR A 39 -14.02 -5.83 10.58
C TYR A 39 -12.65 -6.11 11.15
N ALA A 40 -11.66 -5.41 10.62
CA ALA A 40 -10.31 -5.41 11.16
C ALA A 40 -10.13 -4.16 12.00
N ILE A 41 -9.95 -4.33 13.31
CA ILE A 41 -9.85 -3.23 14.24
C ILE A 41 -8.40 -3.11 14.71
N LYS A 42 -7.83 -1.92 14.55
CA LYS A 42 -6.45 -1.66 14.89
C LYS A 42 -6.38 -1.00 16.26
N ARG A 43 -5.52 -1.53 17.14
CA ARG A 43 -5.35 -1.04 18.50
C ARG A 43 -3.93 -0.50 18.64
N SER A 44 -3.82 0.82 18.84
CA SER A 44 -2.53 1.48 18.94
C SER A 44 -2.49 2.33 20.21
N LYS A 45 -1.27 2.60 20.67
CA LYS A 45 -1.09 3.62 21.70
C LYS A 45 -1.69 4.94 21.22
N LYS A 46 -2.39 5.61 22.10
CA LYS A 46 -2.96 6.91 21.75
C LYS A 46 -1.83 7.86 21.39
N PRO A 47 -1.75 8.34 20.14
CA PRO A 47 -0.61 9.15 19.74
C PRO A 47 -0.47 10.41 20.60
N LEU A 48 0.78 10.76 20.89
CA LEU A 48 1.05 11.98 21.63
C LEU A 48 0.52 13.18 20.85
N ALA A 49 -0.21 14.05 21.53
CA ALA A 49 -0.79 15.22 20.88
C ALA A 49 0.32 16.17 20.42
N GLY A 50 0.31 16.50 19.13
CA GLY A 50 1.35 17.33 18.54
C GLY A 50 2.51 16.56 17.97
N SER A 51 2.43 15.24 17.87
CA SER A 51 3.54 14.40 17.47
C SER A 51 3.40 13.96 16.02
N VAL A 52 4.41 13.23 15.54
CA VAL A 52 4.35 12.61 14.22
C VAL A 52 3.16 11.66 14.14
N ASP A 53 3.05 10.76 15.11
CA ASP A 53 2.01 9.74 15.06
C ASP A 53 0.62 10.36 14.94
N GLU A 54 0.43 11.53 15.56
CA GLU A 54 -0.86 12.20 15.47
C GLU A 54 -1.14 12.68 14.05
N GLN A 55 -0.14 13.28 13.40
CA GLN A 55 -0.32 13.73 12.02
C GLN A 55 -0.56 12.55 11.09
N ASN A 56 0.17 11.46 11.28
CA ASN A 56 -0.12 10.22 10.56
C ASN A 56 -1.59 9.86 10.67
N ALA A 57 -2.14 9.91 11.89
CA ALA A 57 -3.51 9.48 12.12
C ALA A 57 -4.52 10.47 11.55
N LEU A 58 -4.21 11.77 11.59
CA LEU A 58 -5.09 12.76 10.98
C LEU A 58 -4.95 12.76 9.47
N ARG A 59 -3.74 12.52 8.95
CA ARG A 59 -3.58 12.25 7.53
C ARG A 59 -4.50 11.13 7.08
N GLU A 60 -4.55 10.04 7.85
CA GLU A 60 -5.40 8.91 7.50
C GLU A 60 -6.87 9.32 7.52
N VAL A 61 -7.28 10.08 8.53
CA VAL A 61 -8.67 10.53 8.60
C VAL A 61 -9.02 11.39 7.40
N TYR A 62 -8.21 12.43 7.15
CA TYR A 62 -8.49 13.32 6.03
C TYR A 62 -8.57 12.54 4.72
N ALA A 63 -7.63 11.62 4.49
CA ALA A 63 -7.59 10.88 3.24
C ALA A 63 -8.92 10.15 2.98
N HIS A 64 -9.38 9.39 3.97
CA HIS A 64 -10.62 8.64 3.78
C HIS A 64 -11.83 9.56 3.66
N ALA A 65 -11.81 10.69 4.35
CA ALA A 65 -12.90 11.66 4.21
C ALA A 65 -12.92 12.25 2.81
N VAL A 66 -11.76 12.53 2.23
CA VAL A 66 -11.69 12.99 0.84
C VAL A 66 -12.13 11.89 -0.10
N LEU A 67 -11.62 10.67 0.10
CA LEU A 67 -11.79 9.61 -0.88
C LEU A 67 -13.15 8.94 -0.76
N GLY A 68 -13.65 8.77 0.45
CA GLY A 68 -14.84 7.97 0.62
C GLY A 68 -14.53 6.52 0.25
N GLN A 69 -15.59 5.79 -0.07
CA GLN A 69 -15.48 4.37 -0.38
C GLN A 69 -15.00 4.16 -1.81
N HIS A 70 -14.04 3.25 -1.98
CA HIS A 70 -13.55 2.86 -3.29
C HIS A 70 -13.22 1.38 -3.24
N SER A 71 -13.51 0.66 -4.33
CA SER A 71 -13.35 -0.79 -4.34
C SER A 71 -11.90 -1.21 -4.20
N HIS A 72 -10.95 -0.31 -4.43
CA HIS A 72 -9.53 -0.64 -4.34
C HIS A 72 -8.83 0.11 -3.20
N VAL A 73 -9.60 0.59 -2.22
CA VAL A 73 -9.06 1.17 -0.99
C VAL A 73 -9.74 0.49 0.18
N VAL A 74 -8.94 0.08 1.17
CA VAL A 74 -9.51 -0.53 2.38
C VAL A 74 -10.37 0.50 3.10
N ARG A 75 -11.63 0.18 3.29
CA ARG A 75 -12.56 1.15 3.87
C ARG A 75 -12.21 1.45 5.32
N TYR A 76 -12.51 2.69 5.71
CA TYR A 76 -12.24 3.21 7.04
C TYR A 76 -13.57 3.65 7.65
N PHE A 77 -13.98 2.99 8.72
CA PHE A 77 -15.33 3.17 9.25
C PHE A 77 -15.40 4.14 10.42
N SER A 78 -14.61 3.92 11.48
CA SER A 78 -14.64 4.84 12.61
C SER A 78 -13.35 4.70 13.40
N ALA A 79 -13.17 5.64 14.33
CA ALA A 79 -11.98 5.70 15.17
C ALA A 79 -12.37 6.34 16.50
N TRP A 80 -11.87 5.79 17.60
CA TRP A 80 -12.20 6.32 18.91
C TRP A 80 -11.09 5.91 19.88
N ALA A 81 -11.18 6.44 21.10
CA ALA A 81 -10.16 6.21 22.12
C ALA A 81 -10.77 5.51 23.33
N GLU A 82 -9.94 4.69 23.97
CA GLU A 82 -10.31 4.03 25.23
C GLU A 82 -9.07 3.91 26.07
N ASP A 83 -9.09 4.49 27.27
CA ASP A 83 -7.91 4.54 28.14
C ASP A 83 -6.81 5.23 27.33
N ASP A 84 -5.61 4.65 27.24
CA ASP A 84 -4.50 5.28 26.51
C ASP A 84 -4.26 4.62 25.15
N HIS A 85 -5.32 4.15 24.50
CA HIS A 85 -5.19 3.49 23.20
C HIS A 85 -6.18 4.07 22.20
N MET A 86 -5.86 3.89 20.93
CA MET A 86 -6.68 4.34 19.82
C MET A 86 -7.19 3.11 19.07
N LEU A 87 -8.49 3.09 18.79
CA LEU A 87 -9.11 2.00 18.05
C LEU A 87 -9.59 2.50 16.70
N ILE A 88 -9.23 1.77 15.65
CA ILE A 88 -9.61 2.10 14.27
C ILE A 88 -10.33 0.90 13.68
N GLN A 89 -11.53 1.12 13.17
CA GLN A 89 -12.35 0.07 12.58
C GLN A 89 -12.22 0.13 11.07
N ASN A 90 -11.66 -0.92 10.47
CA ASN A 90 -11.43 -0.99 9.04
C ASN A 90 -12.15 -2.18 8.43
N GLU A 91 -12.33 -2.12 7.12
CA GLU A 91 -12.73 -3.28 6.33
C GLU A 91 -11.77 -4.43 6.58
N TYR A 92 -12.33 -5.64 6.68
CA TYR A 92 -11.53 -6.86 6.81
C TYR A 92 -11.34 -7.48 5.43
N CYS A 93 -10.09 -7.74 5.08
CA CYS A 93 -9.73 -8.36 3.80
C CYS A 93 -9.26 -9.77 4.10
N ASN A 94 -10.07 -10.76 3.70
CA ASN A 94 -9.86 -12.13 4.16
C ASN A 94 -8.62 -12.78 3.58
N GLY A 95 -7.98 -12.18 2.59
CA GLY A 95 -6.76 -12.72 2.00
C GLY A 95 -5.48 -12.19 2.59
N GLY A 96 -5.55 -11.36 3.63
CA GLY A 96 -4.33 -10.80 4.19
C GLY A 96 -3.73 -9.76 3.28
N SER A 97 -2.46 -9.46 3.55
CA SER A 97 -1.71 -8.52 2.74
C SER A 97 -0.96 -9.26 1.63
N LEU A 98 -0.59 -8.50 0.61
CA LEU A 98 0.26 -9.05 -0.45
C LEU A 98 1.54 -9.62 0.13
N ALA A 99 2.06 -9.00 1.18
CA ALA A 99 3.22 -9.55 1.86
C ALA A 99 2.94 -10.95 2.41
N ASP A 100 1.75 -11.16 2.98
CA ASP A 100 1.37 -12.49 3.44
C ASP A 100 1.26 -13.46 2.27
N ALA A 101 0.64 -13.02 1.17
CA ALA A 101 0.50 -13.88 0.01
C ALA A 101 1.85 -14.25 -0.58
N ILE A 102 2.78 -13.30 -0.62
CA ILE A 102 4.13 -13.58 -1.10
C ILE A 102 4.80 -14.60 -0.19
N SER A 103 4.84 -14.31 1.11
CA SER A 103 5.43 -15.26 2.06
C SER A 103 4.79 -16.63 1.95
N GLU A 104 3.49 -16.69 1.63
CA GLU A 104 2.83 -17.97 1.43
C GLU A 104 3.35 -18.66 0.19
N ASN A 105 3.64 -17.89 -0.87
CA ASN A 105 4.14 -18.48 -2.10
C ASN A 105 5.48 -19.16 -1.89
N TYR A 106 6.34 -18.56 -1.06
CA TYR A 106 7.62 -19.20 -0.74
C TYR A 106 7.40 -20.51 0.00
N ARG A 107 6.41 -20.54 0.90
CA ARG A 107 6.19 -21.73 1.71
C ARG A 107 5.77 -22.92 0.85
N ILE A 108 4.75 -22.74 0.00
CA ILE A 108 4.21 -23.84 -0.80
C ILE A 108 4.93 -24.00 -2.13
N MET A 109 5.89 -23.13 -2.45
CA MET A 109 6.52 -23.09 -3.76
C MET A 109 5.48 -22.94 -4.86
N SER A 110 4.71 -21.86 -4.73
CA SER A 110 3.88 -21.33 -5.80
C SER A 110 4.35 -19.90 -6.09
N TYR A 111 3.65 -19.23 -7.00
CA TYR A 111 4.07 -17.90 -7.41
C TYR A 111 3.01 -17.29 -8.29
N PHE A 112 3.05 -15.96 -8.40
CA PHE A 112 2.13 -15.23 -9.26
C PHE A 112 2.62 -15.30 -10.70
N LYS A 113 1.78 -15.83 -11.59
CA LYS A 113 2.13 -15.85 -13.00
C LYS A 113 2.01 -14.45 -13.58
N GLU A 114 2.55 -14.28 -14.79
CA GLU A 114 2.50 -12.98 -15.45
C GLU A 114 1.07 -12.44 -15.48
N ALA A 115 0.11 -13.29 -15.84
CA ALA A 115 -1.28 -12.84 -15.93
C ALA A 115 -1.77 -12.31 -14.59
N GLU A 116 -1.38 -12.95 -13.48
CA GLU A 116 -1.79 -12.47 -12.18
C GLU A 116 -1.04 -11.21 -11.79
N LEU A 117 0.25 -11.13 -12.12
CA LEU A 117 1.02 -9.92 -11.86
C LEU A 117 0.43 -8.73 -12.60
N LYS A 118 0.01 -8.93 -13.85
CA LYS A 118 -0.66 -7.87 -14.59
C LYS A 118 -1.96 -7.45 -13.92
N ASP A 119 -2.72 -8.43 -13.43
CA ASP A 119 -3.96 -8.11 -12.72
C ASP A 119 -3.67 -7.31 -11.46
N LEU A 120 -2.62 -7.67 -10.73
CA LEU A 120 -2.23 -6.90 -9.54
C LEU A 120 -1.89 -5.47 -9.92
N LEU A 121 -1.10 -5.30 -10.98
CA LEU A 121 -0.68 -3.97 -11.39
C LEU A 121 -1.88 -3.11 -11.79
N LEU A 122 -2.82 -3.70 -12.52
CA LEU A 122 -3.98 -2.95 -13.00
C LEU A 122 -4.89 -2.55 -11.84
N GLN A 123 -5.15 -3.47 -10.91
CA GLN A 123 -6.07 -3.19 -9.82
C GLN A 123 -5.52 -2.10 -8.90
N VAL A 124 -4.28 -2.25 -8.45
CA VAL A 124 -3.67 -1.21 -7.61
C VAL A 124 -3.51 0.08 -8.41
N GLY A 125 -3.19 -0.04 -9.69
CA GLY A 125 -3.11 1.14 -10.55
C GLY A 125 -4.40 1.93 -10.54
N ARG A 126 -5.54 1.24 -10.48
CA ARG A 126 -6.83 1.93 -10.48
C ARG A 126 -7.06 2.62 -9.13
N GLY A 127 -6.73 1.96 -8.03
CA GLY A 127 -6.74 2.64 -6.75
C GLY A 127 -5.89 3.89 -6.76
N LEU A 128 -4.66 3.78 -7.27
CA LEU A 128 -3.81 4.96 -7.40
C LEU A 128 -4.42 5.99 -8.34
N ARG A 129 -5.02 5.53 -9.44
CA ARG A 129 -5.68 6.46 -10.36
C ARG A 129 -6.72 7.29 -9.62
N TYR A 130 -7.53 6.64 -8.78
CA TYR A 130 -8.55 7.37 -8.04
C TYR A 130 -7.92 8.33 -7.03
N ILE A 131 -6.96 7.83 -6.24
CA ILE A 131 -6.31 8.67 -5.24
C ILE A 131 -5.69 9.89 -5.91
N HIS A 132 -4.91 9.68 -6.97
CA HIS A 132 -4.25 10.79 -7.63
C HIS A 132 -5.27 11.75 -8.24
N SER A 133 -6.38 11.22 -8.78
CA SER A 133 -7.39 12.09 -9.35
C SER A 133 -7.99 13.00 -8.29
N MET A 134 -7.99 12.58 -7.03
CA MET A 134 -8.46 13.40 -5.92
C MET A 134 -7.38 14.32 -5.36
N SER A 135 -6.28 14.50 -6.10
CA SER A 135 -5.21 15.41 -5.71
C SER A 135 -4.46 14.92 -4.48
N LEU A 136 -4.42 13.61 -4.27
CA LEU A 136 -3.68 13.01 -3.17
C LEU A 136 -2.62 12.05 -3.70
N VAL A 137 -1.62 11.77 -2.87
CA VAL A 137 -0.63 10.73 -3.13
C VAL A 137 -0.54 9.85 -1.89
N HIS A 138 -0.19 8.58 -2.10
CA HIS A 138 -0.21 7.62 -1.00
C HIS A 138 1.09 7.62 -0.20
N MET A 139 2.24 7.54 -0.89
CA MET A 139 3.57 7.75 -0.32
C MET A 139 4.06 6.59 0.55
N ASP A 140 3.39 5.45 0.55
CA ASP A 140 3.91 4.28 1.24
C ASP A 140 3.37 3.01 0.59
N ILE A 141 3.42 2.97 -0.74
CA ILE A 141 3.02 1.76 -1.47
C ILE A 141 4.07 0.69 -1.26
N LYS A 142 3.64 -0.48 -0.83
CA LYS A 142 4.50 -1.65 -0.65
C LYS A 142 3.60 -2.85 -0.36
N PRO A 143 4.13 -4.06 -0.46
CA PRO A 143 3.26 -5.26 -0.34
C PRO A 143 2.50 -5.35 0.97
N SER A 144 3.11 -4.92 2.08
CA SER A 144 2.41 -5.00 3.36
C SER A 144 1.30 -3.97 3.49
N ASN A 145 1.15 -3.05 2.53
CA ASN A 145 0.06 -2.08 2.51
C ASN A 145 -0.94 -2.37 1.40
N ILE A 146 -0.77 -3.48 0.68
CA ILE A 146 -1.74 -3.96 -0.30
C ILE A 146 -2.45 -5.16 0.33
N PHE A 147 -3.78 -5.18 0.21
CA PHE A 147 -4.58 -6.21 0.85
C PHE A 147 -5.44 -6.92 -0.19
N ILE A 148 -5.91 -8.10 0.21
CA ILE A 148 -6.52 -9.05 -0.72
C ILE A 148 -7.87 -9.45 -0.16
N SER A 149 -8.92 -9.25 -0.95
CA SER A 149 -10.24 -9.81 -0.68
C SER A 149 -10.53 -10.90 -1.69
N ARG A 150 -10.83 -12.10 -1.21
CA ARG A 150 -11.12 -13.23 -2.08
C ARG A 150 -12.60 -13.59 -1.96
N LYS A 170 -11.75 -13.89 -8.87
CA LYS A 170 -12.39 -13.75 -7.57
C LYS A 170 -11.43 -13.13 -6.55
N VAL A 171 -10.67 -12.13 -7.00
CA VAL A 171 -9.64 -11.49 -6.19
C VAL A 171 -9.73 -9.98 -6.36
N MET A 172 -9.75 -9.25 -5.25
CA MET A 172 -9.74 -7.80 -5.25
C MET A 172 -8.55 -7.30 -4.43
N PHE A 173 -7.72 -6.46 -5.04
CA PHE A 173 -6.59 -5.85 -4.37
C PHE A 173 -6.99 -4.45 -3.89
N LYS A 174 -6.63 -4.12 -2.66
CA LYS A 174 -7.05 -2.88 -2.03
C LYS A 174 -5.86 -2.19 -1.39
N ILE A 175 -5.75 -0.88 -1.59
CA ILE A 175 -4.67 -0.10 -0.98
C ILE A 175 -5.07 0.26 0.45
N GLY A 176 -4.19 -0.04 1.40
CA GLY A 176 -4.45 0.26 2.80
C GLY A 176 -3.47 1.23 3.44
N ASP A 177 -3.65 1.47 4.75
CA ASP A 177 -2.75 2.29 5.55
C ASP A 177 -2.46 3.63 4.89
N LEU A 178 -3.40 4.57 5.01
CA LEU A 178 -3.30 5.88 4.39
C LEU A 178 -2.60 6.91 5.27
N GLY A 179 -1.77 6.46 6.22
CA GLY A 179 -1.16 7.37 7.16
C GLY A 179 -0.17 8.34 6.55
N HIS A 180 0.36 8.01 5.37
CA HIS A 180 1.32 8.88 4.68
C HIS A 180 0.69 9.69 3.55
N VAL A 181 -0.61 9.56 3.34
CA VAL A 181 -1.27 10.30 2.26
C VAL A 181 -1.12 11.79 2.51
N THR A 182 -0.75 12.53 1.47
CA THR A 182 -0.70 13.98 1.52
C THR A 182 -1.19 14.56 0.21
N ARG A 183 -1.39 15.87 0.20
CA ARG A 183 -1.90 16.57 -0.97
C ARG A 183 -0.78 16.86 -1.96
N ILE A 184 -1.12 16.79 -3.25
CA ILE A 184 -0.15 17.14 -4.29
C ILE A 184 0.27 18.58 -4.15
N SER A 185 -0.70 19.47 -3.92
CA SER A 185 -0.40 20.87 -3.66
C SER A 185 -0.08 21.06 -2.19
N SER A 186 1.07 21.65 -1.90
CA SER A 186 1.52 21.85 -0.53
C SER A 186 1.59 20.53 0.21
N PRO A 187 2.47 19.61 -0.18
CA PRO A 187 2.55 18.32 0.50
C PRO A 187 3.29 18.38 1.83
N GLN A 188 2.92 17.46 2.71
CA GLN A 188 3.67 17.16 3.92
C GLN A 188 4.16 15.71 3.76
N VAL A 189 5.42 15.55 3.36
CA VAL A 189 5.95 14.23 3.03
C VAL A 189 6.56 13.60 4.27
N GLU A 190 6.09 12.41 4.62
CA GLU A 190 6.79 11.50 5.53
C GLU A 190 7.26 10.33 4.68
N GLU A 191 8.58 10.22 4.52
CA GLU A 191 9.13 9.25 3.58
C GLU A 191 8.68 7.84 3.93
N GLY A 192 8.34 7.08 2.89
CA GLY A 192 8.00 5.68 3.06
C GLY A 192 9.22 4.80 3.17
N ASP A 193 8.96 3.50 3.30
CA ASP A 193 10.00 2.48 3.33
C ASP A 193 11.06 2.76 2.28
N SER A 194 12.32 2.83 2.73
CA SER A 194 13.41 3.17 1.82
C SER A 194 13.60 2.14 0.72
N ARG A 195 13.12 0.91 0.90
CA ARG A 195 13.25 -0.09 -0.13
C ARG A 195 12.38 0.20 -1.35
N PHE A 196 11.32 0.98 -1.18
CA PHE A 196 10.39 1.30 -2.24
C PHE A 196 10.39 2.77 -2.61
N LEU A 197 11.35 3.53 -2.09
CA LEU A 197 11.36 4.99 -2.21
C LEU A 197 12.13 5.41 -3.45
N ALA A 198 11.51 6.26 -4.27
CA ALA A 198 12.19 6.81 -5.43
C ALA A 198 13.25 7.82 -5.01
N ASN A 199 14.32 7.88 -5.80
CA ASN A 199 15.46 8.72 -5.42
C ASN A 199 15.06 10.18 -5.29
N GLU A 200 14.20 10.67 -6.19
CA GLU A 200 13.87 12.09 -6.17
C GLU A 200 13.17 12.51 -4.88
N VAL A 201 12.38 11.61 -4.30
CA VAL A 201 11.75 11.92 -3.02
C VAL A 201 12.79 12.00 -1.92
N LEU A 202 13.69 11.02 -1.88
CA LEU A 202 14.81 11.07 -0.94
C LEU A 202 15.61 12.34 -1.08
N GLN A 203 15.67 12.90 -2.30
CA GLN A 203 16.35 14.17 -2.55
C GLN A 203 15.50 15.37 -2.17
N GLU A 204 14.40 15.16 -1.44
CA GLU A 204 13.50 16.24 -1.01
C GLU A 204 12.93 16.99 -2.21
N ASN A 205 12.82 16.29 -3.34
CA ASN A 205 12.11 16.81 -4.51
C ASN A 205 10.69 16.27 -4.46
N TYR A 206 9.77 17.08 -3.92
CA TYR A 206 8.37 16.70 -3.76
C TYR A 206 7.50 17.26 -4.87
N THR A 207 8.02 17.30 -6.10
CA THR A 207 7.39 17.98 -7.22
C THR A 207 6.69 17.04 -8.20
N HIS A 208 6.96 15.74 -8.15
CA HIS A 208 6.29 14.75 -8.99
C HIS A 208 5.88 13.54 -8.15
N LEU A 209 5.20 13.79 -7.04
CA LEU A 209 4.95 12.73 -6.07
C LEU A 209 4.08 11.60 -6.62
N PRO A 210 3.09 11.84 -7.48
CA PRO A 210 2.36 10.70 -8.05
C PRO A 210 3.26 9.68 -8.71
N LYS A 211 4.38 10.11 -9.30
CA LYS A 211 5.31 9.17 -9.90
C LYS A 211 6.14 8.42 -8.88
N ALA A 212 6.17 8.90 -7.63
CA ALA A 212 6.78 8.11 -6.56
C ALA A 212 5.93 6.88 -6.24
N ASP A 213 4.60 7.05 -6.24
CA ASP A 213 3.71 5.91 -6.06
C ASP A 213 3.89 4.91 -7.20
N ILE A 214 4.01 5.39 -8.43
CA ILE A 214 4.23 4.51 -9.58
C ILE A 214 5.51 3.70 -9.37
N PHE A 215 6.59 4.38 -9.00
CA PHE A 215 7.86 3.70 -8.76
C PHE A 215 7.70 2.59 -7.74
N ALA A 216 7.07 2.90 -6.60
CA ALA A 216 6.92 1.90 -5.54
C ALA A 216 5.98 0.78 -5.95
N LEU A 217 4.98 1.05 -6.79
CA LEU A 217 4.10 0.00 -7.27
C LEU A 217 4.85 -0.98 -8.16
N ALA A 218 5.75 -0.47 -9.01
CA ALA A 218 6.55 -1.36 -9.85
C ALA A 218 7.36 -2.32 -9.00
N LEU A 219 8.03 -1.82 -7.97
CA LEU A 219 8.82 -2.68 -7.12
C LEU A 219 7.95 -3.60 -6.28
N THR A 220 6.76 -3.15 -5.89
CA THR A 220 5.82 -4.04 -5.22
C THR A 220 5.48 -5.23 -6.11
N VAL A 221 5.27 -4.98 -7.41
CA VAL A 221 4.99 -6.06 -8.34
C VAL A 221 6.22 -6.94 -8.52
N VAL A 222 7.41 -6.34 -8.48
CA VAL A 222 8.65 -7.10 -8.58
C VAL A 222 8.75 -8.09 -7.42
N CYS A 223 8.47 -7.62 -6.20
CA CYS A 223 8.43 -8.51 -5.05
C CYS A 223 7.45 -9.65 -5.27
N ALA A 224 6.22 -9.31 -5.69
CA ALA A 224 5.21 -10.33 -5.95
C ALA A 224 5.70 -11.35 -6.97
N ALA A 225 6.58 -10.95 -7.89
CA ALA A 225 7.08 -11.85 -8.92
C ALA A 225 8.14 -12.82 -8.42
N GLY A 226 8.57 -12.70 -7.16
CA GLY A 226 9.52 -13.62 -6.58
C GLY A 226 10.93 -13.10 -6.46
N ALA A 227 11.16 -11.82 -6.74
CA ALA A 227 12.49 -11.26 -6.60
C ALA A 227 13.01 -11.42 -5.18
N GLU A 228 14.33 -11.33 -5.04
CA GLU A 228 14.92 -11.35 -3.71
C GLU A 228 14.51 -10.11 -2.92
N PRO A 229 14.57 -10.18 -1.60
CA PRO A 229 14.26 -8.99 -0.79
C PRO A 229 15.03 -7.78 -1.30
N LEU A 230 14.35 -6.64 -1.31
CA LEU A 230 14.92 -5.44 -1.91
C LEU A 230 15.92 -4.78 -0.96
N PRO A 231 16.94 -4.14 -1.52
CA PRO A 231 17.94 -3.47 -0.68
C PRO A 231 17.41 -2.20 -0.05
N ARG A 232 17.89 -1.94 1.17
CA ARG A 232 17.57 -0.70 1.87
C ARG A 232 18.57 0.41 1.57
N ASN A 233 19.74 0.05 1.02
CA ASN A 233 20.79 1.01 0.73
C ASN A 233 21.94 0.30 0.01
N GLY A 234 22.99 1.03 -0.38
CA GLY A 234 24.17 0.42 -0.96
C GLY A 234 24.15 0.42 -2.47
N ASP A 235 25.07 -0.37 -3.04
CA ASP A 235 25.21 -0.45 -4.48
C ASP A 235 23.89 -0.85 -5.15
N GLN A 236 23.26 -1.92 -4.65
CA GLN A 236 22.05 -2.42 -5.30
C GLN A 236 20.93 -1.38 -5.27
N TRP A 237 20.81 -0.66 -4.16
CA TRP A 237 19.76 0.37 -4.06
C TRP A 237 19.90 1.39 -5.18
N HIS A 238 21.11 1.94 -5.35
CA HIS A 238 21.32 2.93 -6.39
C HIS A 238 21.18 2.33 -7.78
N GLU A 239 21.58 1.08 -7.96
CA GLU A 239 21.43 0.42 -9.26
C GLU A 239 19.97 0.35 -9.67
N ILE A 240 19.07 0.09 -8.72
CA ILE A 240 17.64 0.11 -9.03
C ILE A 240 17.21 1.52 -9.42
N ARG A 241 17.66 2.53 -8.67
CA ARG A 241 17.26 3.90 -8.96
C ARG A 241 17.92 4.45 -10.21
N GLN A 242 18.90 3.75 -10.77
CA GLN A 242 19.37 4.05 -12.11
C GLN A 242 18.53 3.38 -13.18
N GLY A 243 17.46 2.70 -12.79
CA GLY A 243 16.55 2.06 -13.72
C GLY A 243 16.79 0.57 -13.94
N ARG A 244 17.63 -0.07 -13.12
CA ARG A 244 17.95 -1.47 -13.29
C ARG A 244 16.97 -2.32 -12.49
N LEU A 245 16.22 -3.14 -13.20
CA LEU A 245 15.15 -3.91 -12.58
C LEU A 245 15.74 -5.10 -11.81
N PRO A 246 15.36 -5.32 -10.55
CA PRO A 246 15.80 -6.52 -9.84
C PRO A 246 15.55 -7.77 -10.68
N ARG A 247 16.43 -8.76 -10.53
CA ARG A 247 16.28 -10.00 -11.27
C ARG A 247 15.07 -10.76 -10.77
N ILE A 248 14.27 -11.27 -11.69
CA ILE A 248 13.04 -12.00 -11.38
C ILE A 248 13.23 -13.44 -11.84
N PRO A 249 13.06 -14.45 -10.97
CA PRO A 249 13.37 -15.82 -11.40
C PRO A 249 12.49 -16.32 -12.53
N GLN A 250 11.17 -16.13 -12.44
CA GLN A 250 10.28 -16.68 -13.45
C GLN A 250 10.43 -15.92 -14.76
N VAL A 251 9.85 -16.50 -15.82
CA VAL A 251 9.95 -15.93 -17.15
C VAL A 251 8.75 -15.01 -17.38
N LEU A 252 9.03 -13.77 -17.79
CA LEU A 252 8.01 -12.82 -18.17
C LEU A 252 8.26 -12.38 -19.61
N SER A 253 7.17 -12.02 -20.30
CA SER A 253 7.31 -11.41 -21.62
C SER A 253 8.24 -10.21 -21.51
N GLN A 254 9.13 -10.07 -22.50
CA GLN A 254 10.13 -9.01 -22.44
C GLN A 254 9.47 -7.64 -22.41
N GLU A 255 8.25 -7.51 -22.90
CA GLU A 255 7.57 -6.22 -22.92
C GLU A 255 6.92 -5.91 -21.58
N PHE A 256 6.44 -6.92 -20.85
CA PHE A 256 6.00 -6.69 -19.48
C PHE A 256 7.18 -6.28 -18.61
N THR A 257 8.33 -6.93 -18.79
CA THR A 257 9.55 -6.50 -18.12
C THR A 257 9.89 -5.06 -18.47
N GLU A 258 9.75 -4.69 -19.75
CA GLU A 258 10.03 -3.32 -20.17
C GLU A 258 9.07 -2.33 -19.50
N LEU A 259 7.81 -2.74 -19.29
CA LEU A 259 6.86 -1.86 -18.61
C LEU A 259 7.30 -1.57 -17.18
N LEU A 260 7.65 -2.62 -16.43
CA LEU A 260 8.14 -2.41 -15.07
C LEU A 260 9.38 -1.53 -15.07
N LYS A 261 10.23 -1.68 -16.09
CA LYS A 261 11.48 -0.92 -16.13
C LYS A 261 11.21 0.59 -16.22
N VAL A 262 10.31 0.99 -17.11
CA VAL A 262 10.05 2.41 -17.28
C VAL A 262 9.28 2.98 -16.09
N MET A 263 8.61 2.14 -15.31
CA MET A 263 7.96 2.61 -14.10
C MET A 263 8.99 2.97 -13.02
N ILE A 264 10.22 2.47 -13.15
CA ILE A 264 11.31 2.85 -12.25
C ILE A 264 12.35 3.70 -12.97
N HIS A 265 11.96 4.36 -14.05
CA HIS A 265 12.91 5.19 -14.79
C HIS A 265 13.44 6.30 -13.89
N PRO A 266 14.75 6.59 -13.92
CA PRO A 266 15.28 7.64 -13.04
C PRO A 266 14.61 9.00 -13.21
N ASP A 267 14.03 9.27 -14.39
CA ASP A 267 13.35 10.52 -14.65
C ASP A 267 11.86 10.35 -14.36
N PRO A 268 11.32 10.96 -13.30
CA PRO A 268 9.90 10.71 -12.96
C PRO A 268 8.94 11.01 -14.10
N GLU A 269 9.21 12.05 -14.90
CA GLU A 269 8.31 12.41 -15.99
C GLU A 269 8.27 11.35 -17.06
N ARG A 270 9.27 10.46 -17.10
CA ARG A 270 9.26 9.34 -18.01
C ARG A 270 8.37 8.21 -17.54
N ARG A 271 8.11 8.11 -16.24
CA ARG A 271 7.27 7.04 -15.73
C ARG A 271 5.81 7.29 -16.10
N PRO A 272 5.04 6.24 -16.38
CA PRO A 272 3.62 6.46 -16.71
C PRO A 272 2.82 6.89 -15.49
N SER A 273 1.86 7.77 -15.71
CA SER A 273 0.91 8.12 -14.67
C SER A 273 -0.05 6.95 -14.45
N ALA A 274 -0.66 6.93 -13.26
CA ALA A 274 -1.69 5.94 -12.99
C ALA A 274 -2.77 5.98 -14.06
N MET A 275 -3.22 7.19 -14.40
CA MET A 275 -4.14 7.37 -15.52
C MET A 275 -3.63 6.64 -16.76
N ALA A 276 -2.41 6.96 -17.18
CA ALA A 276 -1.82 6.28 -18.32
C ALA A 276 -1.63 4.80 -18.05
N LEU A 277 -1.33 4.44 -16.80
CA LEU A 277 -1.07 3.05 -16.48
C LEU A 277 -2.32 2.19 -16.65
N VAL A 278 -3.48 2.71 -16.21
CA VAL A 278 -4.70 1.91 -16.24
C VAL A 278 -5.37 1.92 -17.61
N LYS A 279 -5.06 2.91 -18.46
CA LYS A 279 -5.44 2.87 -19.87
C LYS A 279 -4.33 2.28 -20.73
N HIS A 280 -3.31 1.69 -20.12
CA HIS A 280 -2.22 1.06 -20.86
C HIS A 280 -2.67 -0.28 -21.44
N SER A 281 -2.09 -0.64 -22.56
CA SER A 281 -2.48 -1.84 -23.29
C SER A 281 -1.77 -3.07 -22.70
N VAL A 282 -2.53 -3.94 -22.02
CA VAL A 282 -1.97 -5.21 -21.56
C VAL A 282 -3.04 -6.13 -20.99
N LEU A 283 -4.06 -6.46 -21.79
CA LEU A 283 -5.05 -7.47 -21.38
C LEU A 283 -5.70 -8.15 -22.58
C01 34W B . -7.85 -18.60 11.44
C02 34W B . -7.72 -17.44 10.54
O03 34W B . -8.76 -16.84 10.16
N04 34W B . -6.48 -17.02 10.14
C05 34W B . -6.27 -16.18 9.00
C06 34W B . -5.19 -15.16 9.18
O07 34W B . -4.52 -15.16 10.24
N08 34W B . -4.90 -14.22 8.20
C09 34W B . -3.64 -13.62 7.91
C10 34W B . -3.29 -14.22 6.51
C11 34W B . -4.69 -14.52 5.91
C12 34W B . -5.64 -13.94 7.01
C13 34W B . -5.48 -12.48 7.21
C14 34W B . -4.21 -12.28 7.77
C15 34W B . -3.75 -11.00 8.09
C16 34W B . -4.60 -9.91 7.81
C17 34W B . -5.89 -10.08 7.24
C18 34W B . -6.33 -11.39 6.93
N19 34W B . -6.69 -9.01 6.96
C20 34W B . -6.61 -7.66 7.19
N21 34W B . -7.63 -6.85 6.83
C22 34W B . -7.61 -5.52 7.04
C23 34W B . -6.50 -4.90 7.64
C24 34W B . -5.44 -5.76 8.02
N25 34W B . -5.54 -7.09 7.77
N26 34W B . -4.32 -5.29 8.61
C27 34W B . -3.11 -6.05 8.69
C28 34W B . -3.05 -6.94 9.93
C29 34W B . -1.58 -6.54 10.08
C30 34W B . -1.93 -5.26 9.28
C31 34W B . -6.51 -3.42 7.86
F32 34W B . -5.47 -2.75 7.25
F33 34W B . -6.40 -3.19 9.20
F34 34W B . -7.66 -2.84 7.43
H1 34W B . -7.41 -19.49 10.96
H2 34W B . -7.33 -18.39 12.39
H3 34W B . -8.91 -18.78 11.66
H4 34W B . -5.68 -17.48 10.53
H5 34W B . -7.20 -15.65 8.77
H6 34W B . -6.00 -16.82 8.15
H7 34W B . -2.84 -13.73 8.67
H8 34W B . -2.73 -13.50 5.89
H9 34W B . -2.70 -15.15 6.61
H10 34W B . -4.85 -15.59 5.77
H11 34W B . -4.83 -14.00 4.95
H12 34W B . -6.67 -14.30 6.96
H13 34W B . -2.77 -10.86 8.52
H14 34W B . -4.26 -8.91 8.05
H15 34W B . -7.30 -11.55 6.48
H16 34W B . -7.53 -9.27 6.49
H17 34W B . -8.45 -4.92 6.73
H18 34W B . -4.07 -4.47 8.09
H19 34W B . -2.84 -6.59 7.76
H20 34W B . -3.70 -6.61 10.76
H21 34W B . -3.22 -8.01 9.76
H22 34W B . -0.87 -7.21 9.58
H23 34W B . -1.25 -6.35 11.11
H24 34W B . -2.23 -4.41 9.90
H25 34W B . -1.17 -4.95 8.55
P PO4 C . 1.31 11.01 -18.64
O1 PO4 C . 1.64 9.55 -18.38
O2 PO4 C . 0.80 11.16 -20.06
O3 PO4 C . 2.54 11.84 -18.45
O4 PO4 C . 0.24 11.46 -17.68
CL CL D . -3.89 0.59 28.42
CL CL E . -2.82 -2.33 27.19
#